data_2DLJ
# 
_entry.id   2DLJ 
# 
_audit_conform.dict_name       mmcif_pdbx.dic 
_audit_conform.dict_version    5.387 
_audit_conform.dict_location   http://mmcif.pdb.org/dictionaries/ascii/mmcif_pdbx.dic 
# 
loop_
_database_2.database_id 
_database_2.database_code 
_database_2.pdbx_database_accession 
_database_2.pdbx_DOI 
PDB   2DLJ         pdb_00002dlj 10.2210/pdb2dlj/pdb 
NDB   AD0063       ?            ?                   
RCSB  RCSB025555   ?            ?                   
WWPDB D_1000025555 ?            ?                   
# 
loop_
_pdbx_audit_revision_history.ordinal 
_pdbx_audit_revision_history.data_content_type 
_pdbx_audit_revision_history.major_revision 
_pdbx_audit_revision_history.minor_revision 
_pdbx_audit_revision_history.revision_date 
1 'Structure model' 1 0 2006-05-23 
2 'Structure model' 1 1 2008-04-30 
3 'Structure model' 1 2 2011-07-13 
4 'Structure model' 1 3 2024-02-14 
# 
_pdbx_audit_revision_details.ordinal             1 
_pdbx_audit_revision_details.revision_ordinal    1 
_pdbx_audit_revision_details.data_content_type   'Structure model' 
_pdbx_audit_revision_details.provider            repository 
_pdbx_audit_revision_details.type                'Initial release' 
_pdbx_audit_revision_details.description         ? 
_pdbx_audit_revision_details.details             ? 
# 
loop_
_pdbx_audit_revision_group.ordinal 
_pdbx_audit_revision_group.revision_ordinal 
_pdbx_audit_revision_group.data_content_type 
_pdbx_audit_revision_group.group 
1 2 'Structure model' 'Version format compliance' 
2 3 'Structure model' 'Version format compliance' 
3 4 'Structure model' 'Data collection'           
4 4 'Structure model' 'Database references'       
5 4 'Structure model' 'Derived calculations'      
# 
loop_
_pdbx_audit_revision_category.ordinal 
_pdbx_audit_revision_category.revision_ordinal 
_pdbx_audit_revision_category.data_content_type 
_pdbx_audit_revision_category.category 
1 4 'Structure model' chem_comp_atom 
2 4 'Structure model' chem_comp_bond 
3 4 'Structure model' database_2     
4 4 'Structure model' struct_conn    
# 
loop_
_pdbx_audit_revision_item.ordinal 
_pdbx_audit_revision_item.revision_ordinal 
_pdbx_audit_revision_item.data_content_type 
_pdbx_audit_revision_item.item 
1  4 'Structure model' '_database_2.pdbx_DOI'                
2  4 'Structure model' '_database_2.pdbx_database_accession' 
3  4 'Structure model' '_struct_conn.pdbx_dist_value'        
4  4 'Structure model' '_struct_conn.pdbx_leaving_atom_flag' 
5  4 'Structure model' '_struct_conn.ptnr1_auth_comp_id'     
6  4 'Structure model' '_struct_conn.ptnr1_auth_seq_id'      
7  4 'Structure model' '_struct_conn.ptnr1_label_comp_id'    
8  4 'Structure model' '_struct_conn.ptnr1_label_seq_id'     
9  4 'Structure model' '_struct_conn.ptnr2_auth_comp_id'     
10 4 'Structure model' '_struct_conn.ptnr2_auth_seq_id'      
11 4 'Structure model' '_struct_conn.ptnr2_label_comp_id'    
12 4 'Structure model' '_struct_conn.ptnr2_label_seq_id'     
# 
_pdbx_database_status.entry_id                        2DLJ 
_pdbx_database_status.deposit_site                    PDBJ 
_pdbx_database_status.process_site                    RCSB 
_pdbx_database_status.recvd_initial_deposition_date   2006-04-19 
_pdbx_database_status.status_code                     REL 
_pdbx_database_status.status_code_sf                  REL 
_pdbx_database_status.status_code_mr                  ? 
_pdbx_database_status.SG_entry                        ? 
_pdbx_database_status.pdb_format_compatible           Y 
_pdbx_database_status.status_code_cs                  ? 
_pdbx_database_status.status_code_nmr_data            ? 
_pdbx_database_status.methods_development_category    ? 
# 
loop_
_pdbx_database_related.db_name 
_pdbx_database_related.db_id 
_pdbx_database_related.details 
_pdbx_database_related.content_type 
PDB 1Z7I 
;2'-Me-Se Derivitation of A-DNA Octamer G(UMSe)GTACAC
;
unspecified 
PDB 2GPX 
;2'-Me-Se and Br Derivitation of A-DNA Octamer G(UMS)G(BRU)ACAC
;
unspecified 
# 
loop_
_audit_author.name 
_audit_author.pdbx_ordinal 
'Jiang, J.' 1 
'Huang, Z.' 2 
# 
_citation.id                        primary 
_citation.title                     'Selenium derivatization of nucleic acids for crystallography.' 
_citation.journal_abbrev            'Nucleic Acids Res.' 
_citation.journal_volume            35 
_citation.page_first                477 
_citation.page_last                 485 
_citation.year                      2007 
_citation.journal_id_ASTM           NARHAD 
_citation.country                   UK 
_citation.journal_id_ISSN           0305-1048 
_citation.journal_id_CSD            0389 
_citation.book_publisher            ? 
_citation.pdbx_database_id_PubMed   17169989 
_citation.pdbx_database_id_DOI      10.1093/nar/gkl1070 
# 
loop_
_citation_author.citation_id 
_citation_author.name 
_citation_author.ordinal 
_citation_author.identifier_ORCID 
primary 'Jiang, J.'    1 ? 
primary 'Sheng, J.'    2 ? 
primary 'Carrasco, N.' 3 ? 
primary 'Huang, Z.'    4 ? 
# 
loop_
_entity.id 
_entity.type 
_entity.src_method 
_entity.pdbx_description 
_entity.formula_weight 
_entity.pdbx_number_of_molecules 
_entity.pdbx_ec 
_entity.pdbx_mutation 
_entity.pdbx_fragment 
_entity.details 
1 polymer syn "5'-D(*GP*(UMS)P*GP*(BRU)P*AP*CP*AP*C)-3'" 2570.447 1  ? ? ? ? 
2 water   nat water                                      18.015   45 ? ? ? ? 
# 
_entity_poly.entity_id                      1 
_entity_poly.type                           polydeoxyribonucleotide 
_entity_poly.nstd_linkage                   no 
_entity_poly.nstd_monomer                   yes 
_entity_poly.pdbx_seq_one_letter_code       '(DG)(UMS)(DG)(BRU)(DA)(DC)(DA)(DC)' 
_entity_poly.pdbx_seq_one_letter_code_can   GUGUACAC 
_entity_poly.pdbx_strand_id                 A 
_entity_poly.pdbx_target_identifier         ? 
# 
_pdbx_entity_nonpoly.entity_id   2 
_pdbx_entity_nonpoly.name        water 
_pdbx_entity_nonpoly.comp_id     HOH 
# 
loop_
_entity_poly_seq.entity_id 
_entity_poly_seq.num 
_entity_poly_seq.mon_id 
_entity_poly_seq.hetero 
1 1 DG  n 
1 2 UMS n 
1 3 DG  n 
1 4 BRU n 
1 5 DA  n 
1 6 DC  n 
1 7 DA  n 
1 8 DC  n 
# 
_pdbx_entity_src_syn.entity_id              1 
_pdbx_entity_src_syn.pdbx_src_id            1 
_pdbx_entity_src_syn.pdbx_alt_source_flag   sample 
_pdbx_entity_src_syn.pdbx_beg_seq_num       ? 
_pdbx_entity_src_syn.pdbx_end_seq_num       ? 
_pdbx_entity_src_syn.organism_scientific    ? 
_pdbx_entity_src_syn.organism_common_name   ? 
_pdbx_entity_src_syn.ncbi_taxonomy_id       ? 
_pdbx_entity_src_syn.details                'Solid Phase Synthesis via Phosphoramidite Chemistry' 
# 
loop_
_chem_comp.id 
_chem_comp.type 
_chem_comp.mon_nstd_flag 
_chem_comp.name 
_chem_comp.pdbx_synonyms 
_chem_comp.formula 
_chem_comp.formula_weight 
BRU 'DNA linking' n "5-BROMO-2'-DEOXYURIDINE-5'-MONOPHOSPHATE"      ? 'C9 H12 Br N2 O8 P'  387.078 
DA  'DNA linking' y "2'-DEOXYADENOSINE-5'-MONOPHOSPHATE"            ? 'C10 H14 N5 O6 P'    331.222 
DC  'DNA linking' y "2'-DEOXYCYTIDINE-5'-MONOPHOSPHATE"             ? 'C9 H14 N3 O7 P'     307.197 
DG  'DNA linking' y "2'-DEOXYGUANOSINE-5'-MONOPHOSPHATE"            ? 'C10 H14 N5 O7 P'    347.221 
HOH non-polymer   . WATER                                           ? 'H2 O'               18.015  
UMS 'DNA linking' n "2'-METHYLSELENYL-2'-DEOXYURIDINE-5'-PHOSPHATE" ? 'C10 H15 N2 O8 P Se' 401.168 
# 
loop_
_pdbx_poly_seq_scheme.asym_id 
_pdbx_poly_seq_scheme.entity_id 
_pdbx_poly_seq_scheme.seq_id 
_pdbx_poly_seq_scheme.mon_id 
_pdbx_poly_seq_scheme.ndb_seq_num 
_pdbx_poly_seq_scheme.pdb_seq_num 
_pdbx_poly_seq_scheme.auth_seq_num 
_pdbx_poly_seq_scheme.pdb_mon_id 
_pdbx_poly_seq_scheme.auth_mon_id 
_pdbx_poly_seq_scheme.pdb_strand_id 
_pdbx_poly_seq_scheme.pdb_ins_code 
_pdbx_poly_seq_scheme.hetero 
A 1 1 DG  1 1 1 DG  G   A . n 
A 1 2 UMS 2 2 2 UMS UMS A . n 
A 1 3 DG  3 3 3 DG  G   A . n 
A 1 4 BRU 4 4 4 BRU BRU A . n 
A 1 5 DA  5 5 5 DA  A   A . n 
A 1 6 DC  6 6 6 DC  C   A . n 
A 1 7 DA  7 7 7 DA  A   A . n 
A 1 8 DC  8 8 8 DC  C   A . n 
# 
loop_
_pdbx_nonpoly_scheme.asym_id 
_pdbx_nonpoly_scheme.entity_id 
_pdbx_nonpoly_scheme.mon_id 
_pdbx_nonpoly_scheme.ndb_seq_num 
_pdbx_nonpoly_scheme.pdb_seq_num 
_pdbx_nonpoly_scheme.auth_seq_num 
_pdbx_nonpoly_scheme.pdb_mon_id 
_pdbx_nonpoly_scheme.auth_mon_id 
_pdbx_nonpoly_scheme.pdb_strand_id 
_pdbx_nonpoly_scheme.pdb_ins_code 
B 2 HOH 1  9  1  HOH HOH A . 
B 2 HOH 2  10 2  HOH HOH A . 
B 2 HOH 3  11 3  HOH HOH A . 
B 2 HOH 4  12 4  HOH HOH A . 
B 2 HOH 5  13 5  HOH HOH A . 
B 2 HOH 6  14 6  HOH HOH A . 
B 2 HOH 7  15 7  HOH HOH A . 
B 2 HOH 8  16 8  HOH HOH A . 
B 2 HOH 9  17 9  HOH HOH A . 
B 2 HOH 10 18 10 HOH HOH A . 
B 2 HOH 11 19 11 HOH HOH A . 
B 2 HOH 12 20 12 HOH HOH A . 
B 2 HOH 13 21 13 HOH HOH A . 
B 2 HOH 14 22 14 HOH HOH A . 
B 2 HOH 15 23 15 HOH HOH A . 
B 2 HOH 16 24 16 HOH HOH A . 
B 2 HOH 17 25 17 HOH HOH A . 
B 2 HOH 18 26 18 HOH HOH A . 
B 2 HOH 19 27 19 HOH HOH A . 
B 2 HOH 20 28 20 HOH HOH A . 
B 2 HOH 21 29 21 HOH HOH A . 
B 2 HOH 22 30 22 HOH HOH A . 
B 2 HOH 23 31 23 HOH HOH A . 
B 2 HOH 24 32 24 HOH HOH A . 
B 2 HOH 25 33 25 HOH HOH A . 
B 2 HOH 26 34 26 HOH HOH A . 
B 2 HOH 27 35 27 HOH HOH A . 
B 2 HOH 28 36 28 HOH HOH A . 
B 2 HOH 29 37 29 HOH HOH A . 
B 2 HOH 30 38 30 HOH HOH A . 
B 2 HOH 31 39 31 HOH HOH A . 
B 2 HOH 32 40 32 HOH HOH A . 
B 2 HOH 33 41 33 HOH HOH A . 
B 2 HOH 34 42 34 HOH HOH A . 
B 2 HOH 35 43 35 HOH HOH A . 
B 2 HOH 36 44 36 HOH HOH A . 
B 2 HOH 37 45 37 HOH HOH A . 
B 2 HOH 38 46 38 HOH HOH A . 
B 2 HOH 39 47 39 HOH HOH A . 
B 2 HOH 40 48 40 HOH HOH A . 
B 2 HOH 41 49 41 HOH HOH A . 
B 2 HOH 42 50 42 HOH HOH A . 
B 2 HOH 43 51 43 HOH HOH A . 
B 2 HOH 44 52 44 HOH HOH A . 
B 2 HOH 45 53 45 HOH HOH A . 
# 
loop_
_software.name 
_software.version 
_software.date 
_software.type 
_software.contact_author 
_software.contact_author_email 
_software.classification 
_software.location 
_software.language 
_software.citation_id 
_software.pdbx_ordinal 
CNS         .     ?              package 'Axel T. Brunger' axel.brunger@yale.edu    refinement        
http://cns.csb.yale.edu/v1.1/    Fortran_77 ? 1 
PDB_EXTRACT 1.701 'Nov. 1, 2005' package PDB               sw-help@rcsb.rutgers.edu 'data extraction' 
http://pdb.rutgers.edu/software/ C++        ? 2 
CBASS       .     ?              ?       ?                 ?                        'data collection' ? ?          ? 3 
HKL-2000    .     ?              ?       ?                 ?                        'data scaling'    ? ?          ? 4 
SOLVE       .     ?              ?       ?                 ?                        phasing           ? ?          ? 5 
# 
_cell.length_a           42.369 
_cell.length_b           42.369 
_cell.length_c           23.744 
_cell.angle_alpha        90.00 
_cell.angle_beta         90.00 
_cell.angle_gamma        90.00 
_cell.entry_id           2DLJ 
_cell.pdbx_unique_axis   ? 
_cell.Z_PDB              8 
_cell.length_a_esd       ? 
_cell.length_b_esd       ? 
_cell.length_c_esd       ? 
_cell.angle_alpha_esd    ? 
_cell.angle_beta_esd     ? 
_cell.angle_gamma_esd    ? 
# 
_symmetry.space_group_name_H-M             'P 43 21 2' 
_symmetry.entry_id                         2DLJ 
_symmetry.pdbx_full_space_group_name_H-M   ? 
_symmetry.Int_Tables_number                96 
_symmetry.cell_setting                     ? 
_symmetry.space_group_name_Hall            ? 
# 
_exptl.entry_id          2DLJ 
_exptl.method            'X-RAY DIFFRACTION' 
_exptl.crystals_number   1 
# 
_exptl_crystal.id                    1 
_exptl_crystal.density_meas          ? 
_exptl_crystal.density_Matthews      2.00 
_exptl_crystal.density_percent_sol   38.44 
_exptl_crystal.description           ? 
_exptl_crystal.F_000                 ? 
_exptl_crystal.preparation           ? 
# 
_exptl_crystal_grow.crystal_id      1 
_exptl_crystal_grow.method          ? 
_exptl_crystal_grow.temp            298 
_exptl_crystal_grow.temp_details    ? 
_exptl_crystal_grow.pH              6.00 
_exptl_crystal_grow.pdbx_details    
;10% v/v MPD 40mM Sodium Cacodylate, 12mM Spermine tetra-HCI, 80 mM sodium Chloride/12mM Potassium Chloride, 20 mM Magnesium Chloride, pH 6.0, VAPOR DIFFUSION, HANGING DROP, temperature 298K, pH 6.00
;
_exptl_crystal_grow.pdbx_pH_range   . 
# 
loop_
_diffrn.id 
_diffrn.ambient_temp 
_diffrn.ambient_temp_details 
_diffrn.crystal_id 
1 100.0 ? 1 
2 ?     ? 1 
# 
_diffrn_detector.diffrn_id              1 
_diffrn_detector.detector               CCD 
_diffrn_detector.type                   'ADSC QUANTUM 315' 
_diffrn_detector.pdbx_collection_date   2005-03-13 
_diffrn_detector.details                ? 
# 
loop_
_diffrn_radiation.diffrn_id 
_diffrn_radiation.wavelength_id 
_diffrn_radiation.pdbx_monochromatic_or_laue_m_l 
_diffrn_radiation.monochromator 
_diffrn_radiation.pdbx_diffrn_protocol 
_diffrn_radiation.pdbx_scattering_type 
2 1 M ? 'SINGLE WAVELENGTH' x-ray 
1 1 M ? 'SINGLE WAVELENGTH' x-ray 
# 
loop_
_diffrn_radiation_wavelength.id 
_diffrn_radiation_wavelength.wavelength 
_diffrn_radiation_wavelength.wt 
1 1.1    1.0 
2 0.9196 1.0 
# 
_diffrn_source.diffrn_id                   1 
_diffrn_source.source                      SYNCHROTRON 
_diffrn_source.type                        'NSLS BEAMLINE X29A' 
_diffrn_source.pdbx_synchrotron_site       NSLS 
_diffrn_source.pdbx_synchrotron_beamline   X29A 
_diffrn_source.pdbx_wavelength             ? 
_diffrn_source.pdbx_wavelength_list        '1.1, 0.9196' 
# 
_reflns.entry_id                     2DLJ 
_reflns.observed_criterion_sigma_I   -3.000 
_reflns.observed_criterion_sigma_F   ? 
_reflns.d_resolution_low             18.610 
_reflns.d_resolution_high            1.500 
_reflns.number_obs                   3777 
_reflns.number_all                   ? 
_reflns.percent_possible_obs         99.7 
_reflns.pdbx_Rmerge_I_obs            0.051 
_reflns.pdbx_Rsym_value              ? 
_reflns.pdbx_netI_over_sigmaI        7.8000 
_reflns.B_iso_Wilson_estimate        18.00 
_reflns.pdbx_redundancy              12.300 
_reflns.R_free_details               ? 
_reflns.pdbx_chi_squared             ? 
_reflns.pdbx_scaling_rejects         ? 
_reflns.pdbx_diffrn_id               2,1 
_reflns.pdbx_ordinal                 1 
# 
_reflns_shell.d_res_high             1.50 
_reflns_shell.d_res_low              1.55 
_reflns_shell.percent_possible_all   99.2 
_reflns_shell.Rmerge_I_obs           0.278 
_reflns_shell.pdbx_Rsym_value        ? 
_reflns_shell.meanI_over_sigI_obs    3.500 
_reflns_shell.pdbx_redundancy        9.10 
_reflns_shell.percent_possible_obs   ? 
_reflns_shell.number_unique_all      ? 
_reflns_shell.number_measured_all    ? 
_reflns_shell.number_measured_obs    ? 
_reflns_shell.number_unique_obs      ? 
_reflns_shell.pdbx_chi_squared       ? 
_reflns_shell.pdbx_diffrn_id         ? 
_reflns_shell.pdbx_ordinal           1 
# 
_refine.entry_id                                 2DLJ 
_refine.ls_number_reflns_obs                     3597 
_refine.ls_number_reflns_all                     3597 
_refine.pdbx_ls_sigma_I                          ? 
_refine.pdbx_ls_sigma_F                          2.000 
_refine.pdbx_data_cutoff_high_absF               ? 
_refine.pdbx_data_cutoff_low_absF                ? 
_refine.pdbx_data_cutoff_high_rms_absF           ? 
_refine.ls_d_res_low                             18.61 
_refine.ls_d_res_high                            1.50 
_refine.ls_percent_reflns_obs                    95.8 
_refine.ls_R_factor_obs                          0.174 
_refine.ls_R_factor_all                          ? 
_refine.ls_R_factor_R_work                       0.174 
_refine.ls_R_factor_R_free                       0.22 
_refine.ls_R_factor_R_free_error                 ? 
_refine.ls_R_factor_R_free_error_details         ? 
_refine.ls_percent_reflns_R_free                 9.600 
_refine.ls_number_reflns_R_free                  359 
_refine.ls_number_parameters                     ? 
_refine.ls_number_restraints                     ? 
_refine.occupancy_min                            ? 
_refine.occupancy_max                            ? 
_refine.correlation_coeff_Fo_to_Fc               ? 
_refine.correlation_coeff_Fo_to_Fc_free          ? 
_refine.B_iso_mean                               18.87 
_refine.aniso_B[1][1]                            0.27200 
_refine.aniso_B[2][2]                            0.27200 
_refine.aniso_B[3][3]                            -0.54300 
_refine.aniso_B[1][2]                            0.00000 
_refine.aniso_B[1][3]                            0.00000 
_refine.aniso_B[2][3]                            0.00000 
_refine.solvent_model_details                    'FLAT MODEL' 
_refine.solvent_model_param_ksol                 0.32 
_refine.solvent_model_param_bsol                 34.92 
_refine.pdbx_solvent_vdw_probe_radii             ? 
_refine.pdbx_solvent_ion_probe_radii             ? 
_refine.pdbx_solvent_shrinkage_radii             ? 
_refine.pdbx_ls_cross_valid_method               ? 
_refine.details                                  ? 
_refine.pdbx_starting_model                      ? 
_refine.pdbx_method_to_determine_struct          ? 
_refine.pdbx_isotropic_thermal_model             ? 
_refine.pdbx_stereochemistry_target_values       'MAXIMUM LIKELIHOOD' 
_refine.pdbx_stereochem_target_val_spec_case     ? 
_refine.pdbx_R_Free_selection_details            RANDOM 
_refine.pdbx_overall_ESU_R                       ? 
_refine.pdbx_overall_ESU_R_Free                  ? 
_refine.overall_SU_ML                            ? 
_refine.overall_SU_B                             ? 
_refine.ls_redundancy_reflns_obs                 ? 
_refine.overall_SU_R_Cruickshank_DPI             ? 
_refine.overall_SU_R_free                        ? 
_refine.ls_wR_factor_R_free                      ? 
_refine.ls_wR_factor_R_work                      ? 
_refine.overall_FOM_free_R_set                   ? 
_refine.overall_FOM_work_R_set                   ? 
_refine.pdbx_refine_id                           'X-RAY DIFFRACTION' 
_refine.pdbx_diffrn_id                           2 
_refine.pdbx_TLS_residual_ADP_flag               ? 
_refine.pdbx_overall_phase_error                 ? 
_refine.pdbx_overall_SU_R_free_Cruickshank_DPI   ? 
_refine.pdbx_overall_SU_R_Blow_DPI               ? 
_refine.pdbx_overall_SU_R_free_Blow_DPI          ? 
# 
_refine_analyze.entry_id                        2DLJ 
_refine_analyze.Luzzati_coordinate_error_obs    0.15 
_refine_analyze.Luzzati_sigma_a_obs             0.05 
_refine_analyze.Luzzati_d_res_low_obs           5.00 
_refine_analyze.Luzzati_coordinate_error_free   0.18 
_refine_analyze.Luzzati_sigma_a_free            0.07 
_refine_analyze.Luzzati_d_res_low_free          ? 
_refine_analyze.number_disordered_residues      ? 
_refine_analyze.occupancy_sum_hydrogen          ? 
_refine_analyze.occupancy_sum_non_hydrogen      ? 
_refine_analyze.pdbx_refine_id                  'X-RAY DIFFRACTION' 
# 
_refine_hist.pdbx_refine_id                   'X-RAY DIFFRACTION' 
_refine_hist.cycle_id                         LAST 
_refine_hist.pdbx_number_atoms_protein        0 
_refine_hist.pdbx_number_atoms_nucleic_acid   162 
_refine_hist.pdbx_number_atoms_ligand         0 
_refine_hist.number_atoms_solvent             45 
_refine_hist.number_atoms_total               207 
_refine_hist.d_res_high                       1.50 
_refine_hist.d_res_low                        18.61 
# 
loop_
_refine_ls_restr.type 
_refine_ls_restr.dev_ideal 
_refine_ls_restr.dev_ideal_target 
_refine_ls_restr.weight 
_refine_ls_restr.number 
_refine_ls_restr.pdbx_refine_id 
_refine_ls_restr.pdbx_restraint_function 
c_bond_d                0.011 ?     ? ? 'X-RAY DIFFRACTION' ? 
c_bond_d_na             ?     ?     ? ? 'X-RAY DIFFRACTION' ? 
c_bond_d_prot           ?     ?     ? ? 'X-RAY DIFFRACTION' ? 
c_angle_d               ?     ?     ? ? 'X-RAY DIFFRACTION' ? 
c_angle_d_na            ?     ?     ? ? 'X-RAY DIFFRACTION' ? 
c_angle_d_prot          ?     ?     ? ? 'X-RAY DIFFRACTION' ? 
c_angle_deg             1.62  ?     ? ? 'X-RAY DIFFRACTION' ? 
c_angle_deg_na          ?     ?     ? ? 'X-RAY DIFFRACTION' ? 
c_angle_deg_prot        ?     ?     ? ? 'X-RAY DIFFRACTION' ? 
c_dihedral_angle_d      ?     ?     ? ? 'X-RAY DIFFRACTION' ? 
c_dihedral_angle_d_na   ?     ?     ? ? 'X-RAY DIFFRACTION' ? 
c_dihedral_angle_d_prot ?     ?     ? ? 'X-RAY DIFFRACTION' ? 
c_improper_angle_d      ?     ?     ? ? 'X-RAY DIFFRACTION' ? 
c_improper_angle_d_na   ?     ?     ? ? 'X-RAY DIFFRACTION' ? 
c_improper_angle_d_prot ?     ?     ? ? 'X-RAY DIFFRACTION' ? 
c_mcbond_it             1.192 1.500 ? ? 'X-RAY DIFFRACTION' ? 
c_mcangle_it            1.920 2.000 ? ? 'X-RAY DIFFRACTION' ? 
c_scbond_it             1.523 2.000 ? ? 'X-RAY DIFFRACTION' ? 
c_scangle_it            2.075 2.500 ? ? 'X-RAY DIFFRACTION' ? 
# 
_refine_ls_shell.pdbx_total_number_of_bins_used   ? 
_refine_ls_shell.d_res_high                       1.50 
_refine_ls_shell.d_res_low                        1.59 
_refine_ls_shell.number_reflns_R_work             ? 
_refine_ls_shell.R_factor_R_work                  0.192 
_refine_ls_shell.percent_reflns_obs               11.10 
_refine_ls_shell.R_factor_R_free                  0.225 
_refine_ls_shell.R_factor_R_free_error            0.029 
_refine_ls_shell.percent_reflns_R_free            ? 
_refine_ls_shell.number_reflns_R_free             59 
_refine_ls_shell.number_reflns_all                ? 
_refine_ls_shell.R_factor_all                     ? 
_refine_ls_shell.redundancy_reflns_obs            ? 
_refine_ls_shell.number_reflns_obs                ? 
_refine_ls_shell.pdbx_refine_id                   'X-RAY DIFFRACTION' 
# 
loop_
_pdbx_xplor_file.serial_no 
_pdbx_xplor_file.param_file 
_pdbx_xplor_file.topol_file 
_pdbx_xplor_file.pdbx_refine_id 
1 PROTEIN_REP.PARAM PROTEIN.TOP 'X-RAY DIFFRACTION' 
2 WATER_REP.PARAM   DNA-RNA.TOP 'X-RAY DIFFRACTION' 
3 ION.PARAM         WATER.TOP   'X-RAY DIFFRACTION' 
4 DNA-RNA_UMS.PAR   ION.TOP     'X-RAY DIFFRACTION' 
# 
_struct.entry_id                  2DLJ 
_struct.title                     
;2'-Me-Se and Br Derivitation of A-DNA Octamer G(UMS)G(BRU)ACAC
;
_struct.pdbx_model_details        ? 
_struct.pdbx_CASP_flag            ? 
_struct.pdbx_model_type_details   ? 
# 
_struct_keywords.entry_id        2DLJ 
_struct_keywords.pdbx_keywords   DNA 
_struct_keywords.text            
;2'-Methylseleno-uridine, Se-DNA, Se-Br-DNA, Selenium Derivatization, DNA
;
# 
loop_
_struct_asym.id 
_struct_asym.pdbx_blank_PDB_chainid_flag 
_struct_asym.pdbx_modified 
_struct_asym.entity_id 
_struct_asym.details 
A N N 1 ? 
B N N 2 ? 
# 
_struct_ref.id                         1 
_struct_ref.entity_id                  1 
_struct_ref.db_name                    PDB 
_struct_ref.db_code                    2DLJ 
_struct_ref.pdbx_db_accession          2DLJ 
_struct_ref.pdbx_db_isoform            ? 
_struct_ref.pdbx_seq_one_letter_code   ? 
_struct_ref.pdbx_align_begin           ? 
# 
_struct_ref_seq.align_id                      1 
_struct_ref_seq.ref_id                        1 
_struct_ref_seq.pdbx_PDB_id_code              2DLJ 
_struct_ref_seq.pdbx_strand_id                A 
_struct_ref_seq.seq_align_beg                 1 
_struct_ref_seq.pdbx_seq_align_beg_ins_code   ? 
_struct_ref_seq.seq_align_end                 8 
_struct_ref_seq.pdbx_seq_align_end_ins_code   ? 
_struct_ref_seq.pdbx_db_accession             2DLJ 
_struct_ref_seq.db_align_beg                  1 
_struct_ref_seq.pdbx_db_align_beg_ins_code    ? 
_struct_ref_seq.db_align_end                  8 
_struct_ref_seq.pdbx_db_align_end_ins_code    ? 
_struct_ref_seq.pdbx_auth_seq_align_beg       1 
_struct_ref_seq.pdbx_auth_seq_align_end       8 
# 
_pdbx_struct_assembly.id                   1 
_pdbx_struct_assembly.details              author_defined_assembly 
_pdbx_struct_assembly.method_details       ? 
_pdbx_struct_assembly.oligomeric_details   dimeric 
_pdbx_struct_assembly.oligomeric_count     2 
# 
_pdbx_struct_assembly_gen.assembly_id       1 
_pdbx_struct_assembly_gen.oper_expression   1,2 
_pdbx_struct_assembly_gen.asym_id_list      A,B 
# 
loop_
_pdbx_struct_oper_list.id 
_pdbx_struct_oper_list.type 
_pdbx_struct_oper_list.name 
_pdbx_struct_oper_list.symmetry_operation 
_pdbx_struct_oper_list.matrix[1][1] 
_pdbx_struct_oper_list.matrix[1][2] 
_pdbx_struct_oper_list.matrix[1][3] 
_pdbx_struct_oper_list.vector[1] 
_pdbx_struct_oper_list.matrix[2][1] 
_pdbx_struct_oper_list.matrix[2][2] 
_pdbx_struct_oper_list.matrix[2][3] 
_pdbx_struct_oper_list.vector[2] 
_pdbx_struct_oper_list.matrix[3][1] 
_pdbx_struct_oper_list.matrix[3][2] 
_pdbx_struct_oper_list.matrix[3][3] 
_pdbx_struct_oper_list.vector[3] 
1 'identity operation'         1_555 x,y,z  1.0000000000  0.0000000000 0.0000000000  0.0000000000  0.0000000000 1.0000000000  0.0000000000  0.0000000000 0.0000000000  0.0000000000  1.0000000000 0.0000000000 
2 'crystal symmetry operation' 7_555 y,x,-z -0.8510079243 0.0815757325 -0.5187782886 -1.3432936891 0.0815757325 -0.9553358787 -0.2840400653 4.7966281503 -0.5187782886 -0.2840400653 0.8063438030 0.3684586349 
# 
loop_
_struct_conn.id 
_struct_conn.conn_type_id 
_struct_conn.pdbx_leaving_atom_flag 
_struct_conn.pdbx_PDB_id 
_struct_conn.ptnr1_label_asym_id 
_struct_conn.ptnr1_label_comp_id 
_struct_conn.ptnr1_label_seq_id 
_struct_conn.ptnr1_label_atom_id 
_struct_conn.pdbx_ptnr1_label_alt_id 
_struct_conn.pdbx_ptnr1_PDB_ins_code 
_struct_conn.pdbx_ptnr1_standard_comp_id 
_struct_conn.ptnr1_symmetry 
_struct_conn.ptnr2_label_asym_id 
_struct_conn.ptnr2_label_comp_id 
_struct_conn.ptnr2_label_seq_id 
_struct_conn.ptnr2_label_atom_id 
_struct_conn.pdbx_ptnr2_label_alt_id 
_struct_conn.pdbx_ptnr2_PDB_ins_code 
_struct_conn.ptnr1_auth_asym_id 
_struct_conn.ptnr1_auth_comp_id 
_struct_conn.ptnr1_auth_seq_id 
_struct_conn.ptnr2_auth_asym_id 
_struct_conn.ptnr2_auth_comp_id 
_struct_conn.ptnr2_auth_seq_id 
_struct_conn.ptnr2_symmetry 
_struct_conn.pdbx_ptnr3_label_atom_id 
_struct_conn.pdbx_ptnr3_label_seq_id 
_struct_conn.pdbx_ptnr3_label_comp_id 
_struct_conn.pdbx_ptnr3_label_asym_id 
_struct_conn.pdbx_ptnr3_label_alt_id 
_struct_conn.pdbx_ptnr3_PDB_ins_code 
_struct_conn.details 
_struct_conn.pdbx_dist_value 
_struct_conn.pdbx_value_order 
_struct_conn.pdbx_role 
covale1  covale both ? A DG  1 "O3'" ? ? ? 1_555 A UMS 2 P  ? ? A DG  1 A UMS 2 1_555 ? ? ? ? ? ? ?            1.613 ? ? 
covale2  covale both ? A UMS 2 "O3'" ? ? ? 1_555 A DG  3 P  ? ? A UMS 2 A DG  3 1_555 ? ? ? ? ? ? ?            1.604 ? ? 
covale3  covale both ? A DG  3 "O3'" ? ? ? 1_555 A BRU 4 P  ? ? A DG  3 A BRU 4 1_555 ? ? ? ? ? ? ?            1.601 ? ? 
covale4  covale both ? A BRU 4 "O3'" ? ? ? 1_555 A DA  5 P  ? ? A BRU 4 A DA  5 1_555 ? ? ? ? ? ? ?            1.590 ? ? 
hydrog1  hydrog ?    ? A DG  1 N1    ? ? ? 1_555 A DC  8 N3 ? ? A DG  1 A DC  8 7_555 ? ? ? ? ? ? WATSON-CRICK ?     ? ? 
hydrog2  hydrog ?    ? A DG  1 N2    ? ? ? 1_555 A DC  8 O2 ? ? A DG  1 A DC  8 7_555 ? ? ? ? ? ? WATSON-CRICK ?     ? ? 
hydrog3  hydrog ?    ? A DG  1 O6    ? ? ? 1_555 A DC  8 N4 ? ? A DG  1 A DC  8 7_555 ? ? ? ? ? ? WATSON-CRICK ?     ? ? 
hydrog4  hydrog ?    ? A UMS 2 N3    ? ? ? 1_555 A DA  7 N1 ? ? A UMS 2 A DA  7 7_555 ? ? ? ? ? ? WATSON-CRICK ?     ? ? 
hydrog5  hydrog ?    ? A UMS 2 O4    ? ? ? 1_555 A DA  7 N6 ? ? A UMS 2 A DA  7 7_555 ? ? ? ? ? ? WATSON-CRICK ?     ? ? 
hydrog6  hydrog ?    ? A DG  3 N1    ? ? ? 1_555 A DC  6 N3 ? ? A DG  3 A DC  6 7_555 ? ? ? ? ? ? WATSON-CRICK ?     ? ? 
hydrog7  hydrog ?    ? A DG  3 N2    ? ? ? 1_555 A DC  6 O2 ? ? A DG  3 A DC  6 7_555 ? ? ? ? ? ? WATSON-CRICK ?     ? ? 
hydrog8  hydrog ?    ? A DG  3 O6    ? ? ? 1_555 A DC  6 N4 ? ? A DG  3 A DC  6 7_555 ? ? ? ? ? ? WATSON-CRICK ?     ? ? 
hydrog9  hydrog ?    ? A BRU 4 N3    ? ? ? 1_555 A DA  5 N1 ? ? A BRU 4 A DA  5 7_555 ? ? ? ? ? ? WATSON-CRICK ?     ? ? 
hydrog10 hydrog ?    ? A BRU 4 O4    ? ? ? 1_555 A DA  5 N6 ? ? A BRU 4 A DA  5 7_555 ? ? ? ? ? ? WATSON-CRICK ?     ? ? 
hydrog11 hydrog ?    ? A DA  5 N1    ? ? ? 1_555 A BRU 4 N3 ? ? A DA  5 A BRU 4 7_555 ? ? ? ? ? ? WATSON-CRICK ?     ? ? 
hydrog12 hydrog ?    ? A DA  5 N6    ? ? ? 1_555 A BRU 4 O4 ? ? A DA  5 A BRU 4 7_555 ? ? ? ? ? ? WATSON-CRICK ?     ? ? 
hydrog13 hydrog ?    ? A DC  6 N3    ? ? ? 1_555 A DG  3 N1 ? ? A DC  6 A DG  3 7_555 ? ? ? ? ? ? WATSON-CRICK ?     ? ? 
hydrog14 hydrog ?    ? A DC  6 N4    ? ? ? 1_555 A DG  3 O6 ? ? A DC  6 A DG  3 7_555 ? ? ? ? ? ? WATSON-CRICK ?     ? ? 
hydrog15 hydrog ?    ? A DC  6 O2    ? ? ? 1_555 A DG  3 N2 ? ? A DC  6 A DG  3 7_555 ? ? ? ? ? ? WATSON-CRICK ?     ? ? 
hydrog16 hydrog ?    ? A DA  7 N1    ? ? ? 1_555 A UMS 2 N3 ? ? A DA  7 A UMS 2 7_555 ? ? ? ? ? ? WATSON-CRICK ?     ? ? 
hydrog17 hydrog ?    ? A DA  7 N6    ? ? ? 1_555 A UMS 2 O4 ? ? A DA  7 A UMS 2 7_555 ? ? ? ? ? ? WATSON-CRICK ?     ? ? 
hydrog18 hydrog ?    ? A DC  8 N3    ? ? ? 1_555 A DG  1 N1 ? ? A DC  8 A DG  1 7_555 ? ? ? ? ? ? WATSON-CRICK ?     ? ? 
hydrog19 hydrog ?    ? A DC  8 N4    ? ? ? 1_555 A DG  1 O6 ? ? A DC  8 A DG  1 7_555 ? ? ? ? ? ? WATSON-CRICK ?     ? ? 
hydrog20 hydrog ?    ? A DC  8 O2    ? ? ? 1_555 A DG  1 N2 ? ? A DC  8 A DG  1 7_555 ? ? ? ? ? ? WATSON-CRICK ?     ? ? 
# 
loop_
_struct_conn_type.id 
_struct_conn_type.criteria 
_struct_conn_type.reference 
covale ? ? 
hydrog ? ? 
# 
_pdbx_validate_rmsd_bond.id                        1 
_pdbx_validate_rmsd_bond.PDB_model_num             1 
_pdbx_validate_rmsd_bond.auth_atom_id_1            C5 
_pdbx_validate_rmsd_bond.auth_asym_id_1            A 
_pdbx_validate_rmsd_bond.auth_comp_id_1            DC 
_pdbx_validate_rmsd_bond.auth_seq_id_1             6 
_pdbx_validate_rmsd_bond.PDB_ins_code_1            ? 
_pdbx_validate_rmsd_bond.label_alt_id_1            ? 
_pdbx_validate_rmsd_bond.auth_atom_id_2            C6 
_pdbx_validate_rmsd_bond.auth_asym_id_2            A 
_pdbx_validate_rmsd_bond.auth_comp_id_2            DC 
_pdbx_validate_rmsd_bond.auth_seq_id_2             6 
_pdbx_validate_rmsd_bond.PDB_ins_code_2            ? 
_pdbx_validate_rmsd_bond.label_alt_id_2            ? 
_pdbx_validate_rmsd_bond.bond_value                1.389 
_pdbx_validate_rmsd_bond.bond_target_value         1.339 
_pdbx_validate_rmsd_bond.bond_deviation            0.050 
_pdbx_validate_rmsd_bond.bond_standard_deviation   0.008 
_pdbx_validate_rmsd_bond.linker_flag               N 
# 
loop_
_pdbx_validate_rmsd_angle.id 
_pdbx_validate_rmsd_angle.PDB_model_num 
_pdbx_validate_rmsd_angle.auth_atom_id_1 
_pdbx_validate_rmsd_angle.auth_asym_id_1 
_pdbx_validate_rmsd_angle.auth_comp_id_1 
_pdbx_validate_rmsd_angle.auth_seq_id_1 
_pdbx_validate_rmsd_angle.PDB_ins_code_1 
_pdbx_validate_rmsd_angle.label_alt_id_1 
_pdbx_validate_rmsd_angle.auth_atom_id_2 
_pdbx_validate_rmsd_angle.auth_asym_id_2 
_pdbx_validate_rmsd_angle.auth_comp_id_2 
_pdbx_validate_rmsd_angle.auth_seq_id_2 
_pdbx_validate_rmsd_angle.PDB_ins_code_2 
_pdbx_validate_rmsd_angle.label_alt_id_2 
_pdbx_validate_rmsd_angle.auth_atom_id_3 
_pdbx_validate_rmsd_angle.auth_asym_id_3 
_pdbx_validate_rmsd_angle.auth_comp_id_3 
_pdbx_validate_rmsd_angle.auth_seq_id_3 
_pdbx_validate_rmsd_angle.PDB_ins_code_3 
_pdbx_validate_rmsd_angle.label_alt_id_3 
_pdbx_validate_rmsd_angle.angle_value 
_pdbx_validate_rmsd_angle.angle_target_value 
_pdbx_validate_rmsd_angle.angle_deviation 
_pdbx_validate_rmsd_angle.angle_standard_deviation 
_pdbx_validate_rmsd_angle.linker_flag 
1 1 "O4'" A DG 1 ? ? "C1'" A DG 1 ? ? N9 A DG 1 ? ? 100.50 108.00 -7.50 0.70 N 
2 1 "O4'" A DG 3 ? ? "C1'" A DG 3 ? ? N9 A DG 3 ? ? 101.25 108.00 -6.75 0.70 N 
# 
_pdbx_validate_planes.id              1 
_pdbx_validate_planes.PDB_model_num   1 
_pdbx_validate_planes.auth_comp_id    DC 
_pdbx_validate_planes.auth_asym_id    A 
_pdbx_validate_planes.auth_seq_id     8 
_pdbx_validate_planes.PDB_ins_code    ? 
_pdbx_validate_planes.label_alt_id    ? 
_pdbx_validate_planes.rmsd            0.065 
_pdbx_validate_planes.type            'SIDE CHAIN' 
# 
loop_
_pdbx_struct_mod_residue.id 
_pdbx_struct_mod_residue.label_asym_id 
_pdbx_struct_mod_residue.label_comp_id 
_pdbx_struct_mod_residue.label_seq_id 
_pdbx_struct_mod_residue.auth_asym_id 
_pdbx_struct_mod_residue.auth_comp_id 
_pdbx_struct_mod_residue.auth_seq_id 
_pdbx_struct_mod_residue.PDB_ins_code 
_pdbx_struct_mod_residue.parent_comp_id 
_pdbx_struct_mod_residue.details 
1 A UMS 2 A UMS 2 ? DU ? 
2 A BRU 4 A BRU 4 ? DU ? 
# 
loop_
_chem_comp_atom.comp_id 
_chem_comp_atom.atom_id 
_chem_comp_atom.type_symbol 
_chem_comp_atom.pdbx_aromatic_flag 
_chem_comp_atom.pdbx_stereo_config 
_chem_comp_atom.pdbx_ordinal 
BRU N1     N  N N 1   
BRU C2     C  N N 2   
BRU N3     N  N N 3   
BRU C4     C  N N 4   
BRU C5     C  N N 5   
BRU C6     C  N N 6   
BRU O2     O  N N 7   
BRU O4     O  N N 8   
BRU BR     BR N N 9   
BRU "C1'"  C  N R 10  
BRU "C2'"  C  N N 11  
BRU "C3'"  C  N S 12  
BRU "C4'"  C  N R 13  
BRU "O3'"  O  N N 14  
BRU "O4'"  O  N N 15  
BRU "C5'"  C  N N 16  
BRU "O5'"  O  N N 17  
BRU P      P  N N 18  
BRU OP1    O  N N 19  
BRU OP2    O  N N 20  
BRU OP3    O  N N 21  
BRU HN3    H  N N 22  
BRU H6     H  N N 23  
BRU "H1'"  H  N N 24  
BRU "H2'"  H  N N 25  
BRU "H2''" H  N N 26  
BRU "H3'"  H  N N 27  
BRU "H4'"  H  N N 28  
BRU "HO3'" H  N N 29  
BRU "H5'"  H  N N 30  
BRU "H5''" H  N N 31  
BRU HOP2   H  N N 32  
BRU HOP3   H  N N 33  
DA  OP3    O  N N 34  
DA  P      P  N N 35  
DA  OP1    O  N N 36  
DA  OP2    O  N N 37  
DA  "O5'"  O  N N 38  
DA  "C5'"  C  N N 39  
DA  "C4'"  C  N R 40  
DA  "O4'"  O  N N 41  
DA  "C3'"  C  N S 42  
DA  "O3'"  O  N N 43  
DA  "C2'"  C  N N 44  
DA  "C1'"  C  N R 45  
DA  N9     N  Y N 46  
DA  C8     C  Y N 47  
DA  N7     N  Y N 48  
DA  C5     C  Y N 49  
DA  C6     C  Y N 50  
DA  N6     N  N N 51  
DA  N1     N  Y N 52  
DA  C2     C  Y N 53  
DA  N3     N  Y N 54  
DA  C4     C  Y N 55  
DA  HOP3   H  N N 56  
DA  HOP2   H  N N 57  
DA  "H5'"  H  N N 58  
DA  "H5''" H  N N 59  
DA  "H4'"  H  N N 60  
DA  "H3'"  H  N N 61  
DA  "HO3'" H  N N 62  
DA  "H2'"  H  N N 63  
DA  "H2''" H  N N 64  
DA  "H1'"  H  N N 65  
DA  H8     H  N N 66  
DA  H61    H  N N 67  
DA  H62    H  N N 68  
DA  H2     H  N N 69  
DC  OP3    O  N N 70  
DC  P      P  N N 71  
DC  OP1    O  N N 72  
DC  OP2    O  N N 73  
DC  "O5'"  O  N N 74  
DC  "C5'"  C  N N 75  
DC  "C4'"  C  N R 76  
DC  "O4'"  O  N N 77  
DC  "C3'"  C  N S 78  
DC  "O3'"  O  N N 79  
DC  "C2'"  C  N N 80  
DC  "C1'"  C  N R 81  
DC  N1     N  N N 82  
DC  C2     C  N N 83  
DC  O2     O  N N 84  
DC  N3     N  N N 85  
DC  C4     C  N N 86  
DC  N4     N  N N 87  
DC  C5     C  N N 88  
DC  C6     C  N N 89  
DC  HOP3   H  N N 90  
DC  HOP2   H  N N 91  
DC  "H5'"  H  N N 92  
DC  "H5''" H  N N 93  
DC  "H4'"  H  N N 94  
DC  "H3'"  H  N N 95  
DC  "HO3'" H  N N 96  
DC  "H2'"  H  N N 97  
DC  "H2''" H  N N 98  
DC  "H1'"  H  N N 99  
DC  H41    H  N N 100 
DC  H42    H  N N 101 
DC  H5     H  N N 102 
DC  H6     H  N N 103 
DG  OP3    O  N N 104 
DG  P      P  N N 105 
DG  OP1    O  N N 106 
DG  OP2    O  N N 107 
DG  "O5'"  O  N N 108 
DG  "C5'"  C  N N 109 
DG  "C4'"  C  N R 110 
DG  "O4'"  O  N N 111 
DG  "C3'"  C  N S 112 
DG  "O3'"  O  N N 113 
DG  "C2'"  C  N N 114 
DG  "C1'"  C  N R 115 
DG  N9     N  Y N 116 
DG  C8     C  Y N 117 
DG  N7     N  Y N 118 
DG  C5     C  Y N 119 
DG  C6     C  N N 120 
DG  O6     O  N N 121 
DG  N1     N  N N 122 
DG  C2     C  N N 123 
DG  N2     N  N N 124 
DG  N3     N  N N 125 
DG  C4     C  Y N 126 
DG  HOP3   H  N N 127 
DG  HOP2   H  N N 128 
DG  "H5'"  H  N N 129 
DG  "H5''" H  N N 130 
DG  "H4'"  H  N N 131 
DG  "H3'"  H  N N 132 
DG  "HO3'" H  N N 133 
DG  "H2'"  H  N N 134 
DG  "H2''" H  N N 135 
DG  "H1'"  H  N N 136 
DG  H8     H  N N 137 
DG  H1     H  N N 138 
DG  H21    H  N N 139 
DG  H22    H  N N 140 
HOH O      O  N N 141 
HOH H1     H  N N 142 
HOH H2     H  N N 143 
UMS OP3    O  N N 144 
UMS P      P  N N 145 
UMS OP1    O  N N 146 
UMS OP2    O  N N 147 
UMS "O5'"  O  N N 148 
UMS "C5'"  C  N N 149 
UMS "C4'"  C  N R 150 
UMS "O4'"  O  N N 151 
UMS "C3'"  C  N R 152 
UMS "O3'"  O  N N 153 
UMS "C2'"  C  N R 154 
UMS "SE2'" SE N N 155 
UMS "C1'"  C  N R 156 
UMS "CA'"  C  N N 157 
UMS N1     N  N N 158 
UMS C2     C  N N 159 
UMS O2     O  N N 160 
UMS N3     N  N N 161 
UMS C4     C  N N 162 
UMS O4     O  N N 163 
UMS C5     C  N N 164 
UMS C6     C  N N 165 
UMS HOP3   H  N N 166 
UMS HOP2   H  N N 167 
UMS "H5'"  H  N N 168 
UMS "H5'2" H  N N 169 
UMS "H4'"  H  N N 170 
UMS "H3'"  H  N N 171 
UMS "HO3'" H  N N 172 
UMS "H2'"  H  N N 173 
UMS "H1'"  H  N N 174 
UMS "HA'"  H  N N 175 
UMS "HA'2" H  N N 176 
UMS "HA'3" H  N N 177 
UMS H3     H  N N 178 
UMS H5     H  N N 179 
UMS H6     H  N N 180 
# 
loop_
_chem_comp_bond.comp_id 
_chem_comp_bond.atom_id_1 
_chem_comp_bond.atom_id_2 
_chem_comp_bond.value_order 
_chem_comp_bond.pdbx_aromatic_flag 
_chem_comp_bond.pdbx_stereo_config 
_chem_comp_bond.pdbx_ordinal 
BRU N1     C2     sing N N 1   
BRU N1     C6     sing N N 2   
BRU N1     "C1'"  sing N N 3   
BRU C2     N3     sing N N 4   
BRU C2     O2     doub N N 5   
BRU N3     C4     sing N N 6   
BRU N3     HN3    sing N N 7   
BRU C4     C5     sing N N 8   
BRU C4     O4     doub N N 9   
BRU C5     C6     doub N N 10  
BRU C5     BR     sing N N 11  
BRU C6     H6     sing N N 12  
BRU "C1'"  "C2'"  sing N N 13  
BRU "C1'"  "O4'"  sing N N 14  
BRU "C1'"  "H1'"  sing N N 15  
BRU "C2'"  "C3'"  sing N N 16  
BRU "C2'"  "H2'"  sing N N 17  
BRU "C2'"  "H2''" sing N N 18  
BRU "C3'"  "C4'"  sing N N 19  
BRU "C3'"  "O3'"  sing N N 20  
BRU "C3'"  "H3'"  sing N N 21  
BRU "C4'"  "O4'"  sing N N 22  
BRU "C4'"  "C5'"  sing N N 23  
BRU "C4'"  "H4'"  sing N N 24  
BRU "O3'"  "HO3'" sing N N 25  
BRU "C5'"  "O5'"  sing N N 26  
BRU "C5'"  "H5'"  sing N N 27  
BRU "C5'"  "H5''" sing N N 28  
BRU "O5'"  P      sing N N 29  
BRU P      OP1    doub N N 30  
BRU P      OP2    sing N N 31  
BRU P      OP3    sing N N 32  
BRU OP2    HOP2   sing N N 33  
BRU OP3    HOP3   sing N N 34  
DA  OP3    P      sing N N 35  
DA  OP3    HOP3   sing N N 36  
DA  P      OP1    doub N N 37  
DA  P      OP2    sing N N 38  
DA  P      "O5'"  sing N N 39  
DA  OP2    HOP2   sing N N 40  
DA  "O5'"  "C5'"  sing N N 41  
DA  "C5'"  "C4'"  sing N N 42  
DA  "C5'"  "H5'"  sing N N 43  
DA  "C5'"  "H5''" sing N N 44  
DA  "C4'"  "O4'"  sing N N 45  
DA  "C4'"  "C3'"  sing N N 46  
DA  "C4'"  "H4'"  sing N N 47  
DA  "O4'"  "C1'"  sing N N 48  
DA  "C3'"  "O3'"  sing N N 49  
DA  "C3'"  "C2'"  sing N N 50  
DA  "C3'"  "H3'"  sing N N 51  
DA  "O3'"  "HO3'" sing N N 52  
DA  "C2'"  "C1'"  sing N N 53  
DA  "C2'"  "H2'"  sing N N 54  
DA  "C2'"  "H2''" sing N N 55  
DA  "C1'"  N9     sing N N 56  
DA  "C1'"  "H1'"  sing N N 57  
DA  N9     C8     sing Y N 58  
DA  N9     C4     sing Y N 59  
DA  C8     N7     doub Y N 60  
DA  C8     H8     sing N N 61  
DA  N7     C5     sing Y N 62  
DA  C5     C6     sing Y N 63  
DA  C5     C4     doub Y N 64  
DA  C6     N6     sing N N 65  
DA  C6     N1     doub Y N 66  
DA  N6     H61    sing N N 67  
DA  N6     H62    sing N N 68  
DA  N1     C2     sing Y N 69  
DA  C2     N3     doub Y N 70  
DA  C2     H2     sing N N 71  
DA  N3     C4     sing Y N 72  
DC  OP3    P      sing N N 73  
DC  OP3    HOP3   sing N N 74  
DC  P      OP1    doub N N 75  
DC  P      OP2    sing N N 76  
DC  P      "O5'"  sing N N 77  
DC  OP2    HOP2   sing N N 78  
DC  "O5'"  "C5'"  sing N N 79  
DC  "C5'"  "C4'"  sing N N 80  
DC  "C5'"  "H5'"  sing N N 81  
DC  "C5'"  "H5''" sing N N 82  
DC  "C4'"  "O4'"  sing N N 83  
DC  "C4'"  "C3'"  sing N N 84  
DC  "C4'"  "H4'"  sing N N 85  
DC  "O4'"  "C1'"  sing N N 86  
DC  "C3'"  "O3'"  sing N N 87  
DC  "C3'"  "C2'"  sing N N 88  
DC  "C3'"  "H3'"  sing N N 89  
DC  "O3'"  "HO3'" sing N N 90  
DC  "C2'"  "C1'"  sing N N 91  
DC  "C2'"  "H2'"  sing N N 92  
DC  "C2'"  "H2''" sing N N 93  
DC  "C1'"  N1     sing N N 94  
DC  "C1'"  "H1'"  sing N N 95  
DC  N1     C2     sing N N 96  
DC  N1     C6     sing N N 97  
DC  C2     O2     doub N N 98  
DC  C2     N3     sing N N 99  
DC  N3     C4     doub N N 100 
DC  C4     N4     sing N N 101 
DC  C4     C5     sing N N 102 
DC  N4     H41    sing N N 103 
DC  N4     H42    sing N N 104 
DC  C5     C6     doub N N 105 
DC  C5     H5     sing N N 106 
DC  C6     H6     sing N N 107 
DG  OP3    P      sing N N 108 
DG  OP3    HOP3   sing N N 109 
DG  P      OP1    doub N N 110 
DG  P      OP2    sing N N 111 
DG  P      "O5'"  sing N N 112 
DG  OP2    HOP2   sing N N 113 
DG  "O5'"  "C5'"  sing N N 114 
DG  "C5'"  "C4'"  sing N N 115 
DG  "C5'"  "H5'"  sing N N 116 
DG  "C5'"  "H5''" sing N N 117 
DG  "C4'"  "O4'"  sing N N 118 
DG  "C4'"  "C3'"  sing N N 119 
DG  "C4'"  "H4'"  sing N N 120 
DG  "O4'"  "C1'"  sing N N 121 
DG  "C3'"  "O3'"  sing N N 122 
DG  "C3'"  "C2'"  sing N N 123 
DG  "C3'"  "H3'"  sing N N 124 
DG  "O3'"  "HO3'" sing N N 125 
DG  "C2'"  "C1'"  sing N N 126 
DG  "C2'"  "H2'"  sing N N 127 
DG  "C2'"  "H2''" sing N N 128 
DG  "C1'"  N9     sing N N 129 
DG  "C1'"  "H1'"  sing N N 130 
DG  N9     C8     sing Y N 131 
DG  N9     C4     sing Y N 132 
DG  C8     N7     doub Y N 133 
DG  C8     H8     sing N N 134 
DG  N7     C5     sing Y N 135 
DG  C5     C6     sing N N 136 
DG  C5     C4     doub Y N 137 
DG  C6     O6     doub N N 138 
DG  C6     N1     sing N N 139 
DG  N1     C2     sing N N 140 
DG  N1     H1     sing N N 141 
DG  C2     N2     sing N N 142 
DG  C2     N3     doub N N 143 
DG  N2     H21    sing N N 144 
DG  N2     H22    sing N N 145 
DG  N3     C4     sing N N 146 
HOH O      H1     sing N N 147 
HOH O      H2     sing N N 148 
UMS OP3    P      sing N N 149 
UMS OP3    HOP3   sing N N 150 
UMS P      OP1    doub N N 151 
UMS P      OP2    sing N N 152 
UMS P      "O5'"  sing N N 153 
UMS OP2    HOP2   sing N N 154 
UMS "O5'"  "C5'"  sing N N 155 
UMS "C5'"  "C4'"  sing N N 156 
UMS "C5'"  "H5'"  sing N N 157 
UMS "C5'"  "H5'2" sing N N 158 
UMS "C4'"  "O4'"  sing N N 159 
UMS "C4'"  "C3'"  sing N N 160 
UMS "C4'"  "H4'"  sing N N 161 
UMS "O4'"  "C1'"  sing N N 162 
UMS "C3'"  "O3'"  sing N N 163 
UMS "C3'"  "C2'"  sing N N 164 
UMS "C3'"  "H3'"  sing N N 165 
UMS "O3'"  "HO3'" sing N N 166 
UMS "C2'"  "SE2'" sing N N 167 
UMS "C2'"  "C1'"  sing N N 168 
UMS "C2'"  "H2'"  sing N N 169 
UMS "SE2'" "CA'"  sing N N 170 
UMS "C1'"  N1     sing N N 171 
UMS "C1'"  "H1'"  sing N N 172 
UMS "CA'"  "HA'"  sing N N 173 
UMS "CA'"  "HA'2" sing N N 174 
UMS "CA'"  "HA'3" sing N N 175 
UMS N1     C2     sing N N 176 
UMS N1     C6     sing N N 177 
UMS C2     O2     doub N N 178 
UMS C2     N3     sing N N 179 
UMS N3     C4     sing N N 180 
UMS N3     H3     sing N N 181 
UMS C4     O4     doub N N 182 
UMS C4     C5     sing N N 183 
UMS C5     C6     doub N N 184 
UMS C5     H5     sing N N 185 
UMS C6     H6     sing N N 186 
# 
_ndb_struct_conf_na.entry_id   2DLJ 
_ndb_struct_conf_na.feature    'a-form double helix' 
# 
loop_
_ndb_struct_na_base_pair.model_number 
_ndb_struct_na_base_pair.i_label_asym_id 
_ndb_struct_na_base_pair.i_label_comp_id 
_ndb_struct_na_base_pair.i_label_seq_id 
_ndb_struct_na_base_pair.i_symmetry 
_ndb_struct_na_base_pair.j_label_asym_id 
_ndb_struct_na_base_pair.j_label_comp_id 
_ndb_struct_na_base_pair.j_label_seq_id 
_ndb_struct_na_base_pair.j_symmetry 
_ndb_struct_na_base_pair.shear 
_ndb_struct_na_base_pair.stretch 
_ndb_struct_na_base_pair.stagger 
_ndb_struct_na_base_pair.buckle 
_ndb_struct_na_base_pair.propeller 
_ndb_struct_na_base_pair.opening 
_ndb_struct_na_base_pair.pair_number 
_ndb_struct_na_base_pair.pair_name 
_ndb_struct_na_base_pair.i_auth_asym_id 
_ndb_struct_na_base_pair.i_auth_seq_id 
_ndb_struct_na_base_pair.i_PDB_ins_code 
_ndb_struct_na_base_pair.j_auth_asym_id 
_ndb_struct_na_base_pair.j_auth_seq_id 
_ndb_struct_na_base_pair.j_PDB_ins_code 
_ndb_struct_na_base_pair.hbond_type_28 
_ndb_struct_na_base_pair.hbond_type_12 
1 A DG  1 1_555 A DC  8 7_555 -0.283 -0.096 -0.257 -18.640 -12.382 -1.192 1 A_DG1:DC8_A  A 1 ? A 8 ? 19 1 
1 A UMS 2 1_555 A DA  7 7_555 -0.063 -0.048 0.179  -7.930  -10.290 2.296  2 A_UMS2:DA7_A A 2 ? A 7 ? 20 1 
1 A DG  3 1_555 A DC  6 7_555 -0.251 -0.141 0.262  -2.919  -14.186 0.900  3 A_DG3:DC6_A  A 3 ? A 6 ? 19 1 
1 A BRU 4 1_555 A DA  5 7_555 -0.070 -0.110 0.250  -3.038  -12.453 -3.932 4 A_BRU4:DA5_A A 4 ? A 5 ? 20 1 
1 A DA  5 1_555 A BRU 4 7_555 0.070  -0.110 0.250  3.038   -12.453 -3.932 5 A_DA5:BRU4_A A 5 ? A 4 ? 20 1 
1 A DC  6 1_555 A DG  3 7_555 0.251  -0.141 0.262  2.919   -14.186 0.900  6 A_DC6:DG3_A  A 6 ? A 3 ? 19 1 
1 A DA  7 1_555 A UMS 2 7_555 0.063  -0.048 0.179  7.930   -10.290 2.296  7 A_DA7:UMS2_A A 7 ? A 2 ? 20 1 
1 A DC  8 1_555 A DG  1 7_555 0.283  -0.096 -0.257 18.640  -12.382 -1.192 8 A_DC8:DG1_A  A 8 ? A 1 ? 19 1 
# 
loop_
_ndb_struct_na_base_pair_step.model_number 
_ndb_struct_na_base_pair_step.i_label_asym_id_1 
_ndb_struct_na_base_pair_step.i_label_comp_id_1 
_ndb_struct_na_base_pair_step.i_label_seq_id_1 
_ndb_struct_na_base_pair_step.i_symmetry_1 
_ndb_struct_na_base_pair_step.j_label_asym_id_1 
_ndb_struct_na_base_pair_step.j_label_comp_id_1 
_ndb_struct_na_base_pair_step.j_label_seq_id_1 
_ndb_struct_na_base_pair_step.j_symmetry_1 
_ndb_struct_na_base_pair_step.i_label_asym_id_2 
_ndb_struct_na_base_pair_step.i_label_comp_id_2 
_ndb_struct_na_base_pair_step.i_label_seq_id_2 
_ndb_struct_na_base_pair_step.i_symmetry_2 
_ndb_struct_na_base_pair_step.j_label_asym_id_2 
_ndb_struct_na_base_pair_step.j_label_comp_id_2 
_ndb_struct_na_base_pair_step.j_label_seq_id_2 
_ndb_struct_na_base_pair_step.j_symmetry_2 
_ndb_struct_na_base_pair_step.shift 
_ndb_struct_na_base_pair_step.slide 
_ndb_struct_na_base_pair_step.rise 
_ndb_struct_na_base_pair_step.tilt 
_ndb_struct_na_base_pair_step.roll 
_ndb_struct_na_base_pair_step.twist 
_ndb_struct_na_base_pair_step.x_displacement 
_ndb_struct_na_base_pair_step.y_displacement 
_ndb_struct_na_base_pair_step.helical_rise 
_ndb_struct_na_base_pair_step.inclination 
_ndb_struct_na_base_pair_step.tip 
_ndb_struct_na_base_pair_step.helical_twist 
_ndb_struct_na_base_pair_step.step_number 
_ndb_struct_na_base_pair_step.step_name 
_ndb_struct_na_base_pair_step.i_auth_asym_id_1 
_ndb_struct_na_base_pair_step.i_auth_seq_id_1 
_ndb_struct_na_base_pair_step.i_PDB_ins_code_1 
_ndb_struct_na_base_pair_step.j_auth_asym_id_1 
_ndb_struct_na_base_pair_step.j_auth_seq_id_1 
_ndb_struct_na_base_pair_step.j_PDB_ins_code_1 
_ndb_struct_na_base_pair_step.i_auth_asym_id_2 
_ndb_struct_na_base_pair_step.i_auth_seq_id_2 
_ndb_struct_na_base_pair_step.i_PDB_ins_code_2 
_ndb_struct_na_base_pair_step.j_auth_asym_id_2 
_ndb_struct_na_base_pair_step.j_auth_seq_id_2 
_ndb_struct_na_base_pair_step.j_PDB_ins_code_2 
1 A DG  1 1_555 A DC  8 7_555 A UMS 2 1_555 A DA  7 7_555 0.461  -0.894 3.141 -1.698 13.616 30.076 -3.661 -1.072 2.486 24.687 
3.079  32.992 1 AA_DG1UMS2:DA7DC8_AA  A 1 ? A 8 ? A 2 ? A 7 ? 
1 A UMS 2 1_555 A DA  7 7_555 A DG  3 1_555 A DC  6 7_555 0.701  -1.490 2.992 0.971  13.167 28.328 -4.831 -1.151 2.128 25.243 
-1.861 31.196 2 AA_UMS2DG3:DC6DA7_AA  A 2 ? A 7 ? A 3 ? A 6 ? 
1 A DG  3 1_555 A DC  6 7_555 A BRU 4 1_555 A DA  5 7_555 -0.411 -1.510 3.269 0.694  1.425  36.640 -2.592 0.748  3.202 2.265  
-1.103 36.673 3 AA_DG3BRU4:DA5DC6_AA  A 3 ? A 6 ? A 4 ? A 5 ? 
1 A BRU 4 1_555 A DA  5 7_555 A DA  5 1_555 A BRU 4 7_555 0.000  -1.435 3.012 0.000  6.487  29.575 -3.896 0.000  2.644 12.518 
0.000  30.263 4 AA_BRU4DA5:BRU4DA5_AA A 4 ? A 5 ? A 5 ? A 4 ? 
1 A DA  5 1_555 A BRU 4 7_555 A DC  6 1_555 A DG  3 7_555 0.411  -1.510 3.269 -0.694 1.425  36.640 -2.592 -0.748 3.202 2.266  
1.103  36.673 5 AA_DA5DC6:DG3BRU4_AA  A 5 ? A 4 ? A 6 ? A 3 ? 
1 A DC  6 1_555 A DG  3 7_555 A DA  7 1_555 A UMS 2 7_555 -0.701 -1.490 2.992 -0.971 13.167 28.328 -4.831 1.151  2.128 25.243 
1.861  31.196 6 AA_DC6DA7:UMS2DG3_AA  A 6 ? A 3 ? A 7 ? A 2 ? 
1 A DA  7 1_555 A UMS 2 7_555 A DC  8 1_555 A DG  1 7_555 -0.461 -0.894 3.141 1.698  13.616 30.076 -3.661 1.072  2.486 24.687 
-3.079 32.992 7 AA_DA7DC8:DG1UMS2_AA  A 7 ? A 2 ? A 8 ? A 1 ? 
# 
_atom_sites.entry_id                    2DLJ 
_atom_sites.fract_transf_matrix[1][1]   0.02054895 
_atom_sites.fract_transf_matrix[1][2]   0.00323249 
_atom_sites.fract_transf_matrix[1][3]   -0.01115106 
_atom_sites.fract_transf_matrix[2][1]   -0.01143870 
_atom_sites.fract_transf_matrix[2][2]   0.00175553 
_atom_sites.fract_transf_matrix[2][3]   -0.02057009 
_atom_sites.fract_transf_matrix[3][1]   -0.00354712 
_atom_sites.fract_transf_matrix[3][2]   0.04160136 
_atom_sites.fract_transf_matrix[3][3]   0.00552292 
_atom_sites.fract_transf_vector[1]      0.285919 
_atom_sites.fract_transf_vector[2]      0.269712 
_atom_sites.fract_transf_vector[3]      -0.103173 
# 
loop_
_atom_type.symbol 
BR 
C  
N  
O  
P  
SE 
# 
loop_
_atom_site.group_PDB 
_atom_site.id 
_atom_site.type_symbol 
_atom_site.label_atom_id 
_atom_site.label_alt_id 
_atom_site.label_comp_id 
_atom_site.label_asym_id 
_atom_site.label_entity_id 
_atom_site.label_seq_id 
_atom_site.pdbx_PDB_ins_code 
_atom_site.Cartn_x 
_atom_site.Cartn_y 
_atom_site.Cartn_z 
_atom_site.occupancy 
_atom_site.B_iso_or_equiv 
_atom_site.pdbx_formal_charge 
_atom_site.auth_seq_id 
_atom_site.auth_comp_id 
_atom_site.auth_asym_id 
_atom_site.auth_atom_id 
_atom_site.pdbx_PDB_model_num 
ATOM   1   O  "O5'"  . DG  A 1 1 ? 7.923   9.342   -6.233  1.00 16.52 ? 1  DG  A "O5'"  1 
ATOM   2   C  "C5'"  . DG  A 1 1 ? 9.149   9.384   -6.949  1.00 16.87 ? 1  DG  A "C5'"  1 
ATOM   3   C  "C4'"  . DG  A 1 1 ? 10.274  8.591   -6.330  1.00 14.95 ? 1  DG  A "C4'"  1 
ATOM   4   O  "O4'"  . DG  A 1 1 ? 10.622  9.248   -5.079  1.00 14.78 ? 1  DG  A "O4'"  1 
ATOM   5   C  "C3'"  . DG  A 1 1 ? 9.926   7.165   -5.908  1.00 15.56 ? 1  DG  A "C3'"  1 
ATOM   6   O  "O3'"  . DG  A 1 1 ? 10.150  6.202   -6.943  1.00 16.04 ? 1  DG  A "O3'"  1 
ATOM   7   C  "C2'"  . DG  A 1 1 ? 10.855  6.920   -4.723  1.00 14.11 ? 1  DG  A "C2'"  1 
ATOM   8   C  "C1'"  . DG  A 1 1 ? 11.095  8.295   -4.120  1.00 13.93 ? 1  DG  A "C1'"  1 
ATOM   9   N  N9     . DG  A 1 1 ? 10.069  8.434   -3.075  1.00 14.06 ? 1  DG  A N9     1 
ATOM   10  C  C8     . DG  A 1 1 ? 8.809   8.995   -3.182  1.00 14.71 ? 1  DG  A C8     1 
ATOM   11  N  N7     . DG  A 1 1 ? 8.109   8.906   -2.072  1.00 15.00 ? 1  DG  A N7     1 
ATOM   12  C  C5     . DG  A 1 1 ? 8.959   8.262   -1.181  1.00 13.59 ? 1  DG  A C5     1 
ATOM   13  C  C6     . DG  A 1 1 ? 8.767   7.883   0.230   1.00 12.69 ? 1  DG  A C6     1 
ATOM   14  O  O6     . DG  A 1 1 ? 7.778   8.091   0.953   1.00 16.04 ? 1  DG  A O6     1 
ATOM   15  N  N1     . DG  A 1 1 ? 9.902   7.251   0.740   1.00 13.25 ? 1  DG  A N1     1 
ATOM   16  C  C2     . DG  A 1 1 ? 11.055  7.010   0.033   1.00 14.86 ? 1  DG  A C2     1 
ATOM   17  N  N2     . DG  A 1 1 ? 12.048  6.394   0.697   1.00 16.78 ? 1  DG  A N2     1 
ATOM   18  N  N3     . DG  A 1 1 ? 11.242  7.346   -1.244  1.00 15.68 ? 1  DG  A N3     1 
ATOM   19  C  C4     . DG  A 1 1 ? 10.171  7.965   -1.778  1.00 14.60 ? 1  DG  A C4     1 
HETATM 20  P  P      . UMS A 1 2 ? 9.157   4.937   -7.069  1.00 15.73 ? 2  UMS A P      1 
HETATM 21  O  OP1    . UMS A 1 2 ? 9.515   4.209   -8.341  1.00 18.00 ? 2  UMS A OP1    1 
HETATM 22  O  OP2    . UMS A 1 2 ? 7.745   5.335   -6.791  1.00 17.97 ? 2  UMS A OP2    1 
HETATM 23  O  "O5'"  . UMS A 1 2 ? 9.605   3.971   -5.893  1.00 15.52 ? 2  UMS A "O5'"  1 
HETATM 24  C  "C5'"  . UMS A 1 2 ? 10.910  3.475   -5.875  1.00 15.72 ? 2  UMS A "C5'"  1 
HETATM 25  C  "C4'"  . UMS A 1 2 ? 11.191  2.757   -4.584  1.00 16.47 ? 2  UMS A "C4'"  1 
HETATM 26  O  "O4'"  . UMS A 1 2 ? 11.100  3.742   -3.514  1.00 14.32 ? 2  UMS A "O4'"  1 
HETATM 27  C  "C3'"  . UMS A 1 2 ? 10.207  1.661   -4.186  1.00 17.90 ? 2  UMS A "C3'"  1 
HETATM 28  O  "O3'"  . UMS A 1 2 ? 10.654  0.429   -4.731  1.00 21.33 ? 2  UMS A "O3'"  1 
HETATM 29  C  "C2'"  . UMS A 1 2 ? 10.343  1.664   -2.666  1.00 16.36 ? 2  UMS A "C2'"  1 
HETATM 30  SE "SE2'" . UMS A 1 2 ? 12.078  0.619   -2.178  0.86 18.01 ? 2  UMS A "SE2'" 1 
HETATM 31  C  "C1'"  . UMS A 1 2 ? 10.713  3.084   -2.305  1.00 15.57 ? 2  UMS A "C1'"  1 
HETATM 32  C  "CA'"  . UMS A 1 2 ? 11.754  0.391   -0.264  1.00 17.79 ? 2  UMS A "CA'"  1 
HETATM 33  N  N1     . UMS A 1 2 ? 9.469   3.847   -1.925  1.00 13.71 ? 2  UMS A N1     1 
HETATM 34  C  C2     . UMS A 1 2 ? 9.101   3.770   -0.581  1.00 13.22 ? 2  UMS A C2     1 
HETATM 35  O  O2     . UMS A 1 2 ? 9.736   3.113   0.229   1.00 15.06 ? 2  UMS A O2     1 
HETATM 36  N  N3     . UMS A 1 2 ? 7.966   4.468   -0.227  1.00 13.62 ? 2  UMS A N3     1 
HETATM 37  C  C4     . UMS A 1 2 ? 7.145   5.212   -1.037  1.00 12.92 ? 2  UMS A C4     1 
HETATM 38  O  O4     . UMS A 1 2 ? 6.163   5.785   -0.563  1.00 14.02 ? 2  UMS A O4     1 
HETATM 39  C  C5     . UMS A 1 2 ? 7.555   5.251   -2.483  1.00 13.31 ? 2  UMS A C5     1 
HETATM 40  C  C6     . UMS A 1 2 ? 8.714   4.571   -2.832  1.00 13.10 ? 2  UMS A C6     1 
ATOM   41  P  P      . DG  A 1 3 ? 9.598   -0.737  -5.046  1.00 24.39 ? 3  DG  A P      1 
ATOM   42  O  OP1    . DG  A 1 3 ? 10.299  -1.716  -5.937  1.00 25.98 ? 3  DG  A OP1    1 
ATOM   43  O  OP2    . DG  A 1 3 ? 8.324   -0.161  -5.462  1.00 24.18 ? 3  DG  A OP2    1 
ATOM   44  O  "O5'"  . DG  A 1 3 ? 9.401   -1.355  -3.603  1.00 23.60 ? 3  DG  A "O5'"  1 
ATOM   45  C  "C5'"  . DG  A 1 3 ? 8.133   -1.393  -3.029  1.00 21.01 ? 3  DG  A "C5'"  1 
ATOM   46  C  "C4'"  . DG  A 1 3 ? 8.289   -1.654  -1.563  1.00 18.92 ? 3  DG  A "C4'"  1 
ATOM   47  O  "O4'"  . DG  A 1 3 ? 8.485   -0.342  -0.977  1.00 17.38 ? 3  DG  A "O4'"  1 
ATOM   48  C  "C3'"  . DG  A 1 3 ? 7.008   -2.180  -0.950  1.00 18.43 ? 3  DG  A "C3'"  1 
ATOM   49  O  "O3'"  . DG  A 1 3 ? 7.033   -3.586  -0.800  1.00 18.90 ? 3  DG  A "O3'"  1 
ATOM   50  C  "C2'"  . DG  A 1 3 ? 6.943   -1.504  0.402   1.00 17.32 ? 3  DG  A "C2'"  1 
ATOM   51  C  "C1'"  . DG  A 1 3 ? 7.783   -0.246  0.263   1.00 16.33 ? 3  DG  A "C1'"  1 
ATOM   52  N  N9     . DG  A 1 3 ? 6.812   0.818   -0.038  1.00 15.06 ? 3  DG  A N9     1 
ATOM   53  C  C8     . DG  A 1 3 ? 6.490   1.441   -1.219  1.00 15.63 ? 3  DG  A C8     1 
ATOM   54  N  N7     . DG  A 1 3 ? 5.560   2.363   -1.082  1.00 13.67 ? 3  DG  A N7     1 
ATOM   55  C  C5     . DG  A 1 3 ? 5.251   2.338   0.274   1.00 13.35 ? 3  DG  A C5     1 
ATOM   56  C  C6     . DG  A 1 3 ? 4.307   3.125   1.056   1.00 12.17 ? 3  DG  A C6     1 
ATOM   57  O  O6     . DG  A 1 3 ? 3.550   4.026   0.670   1.00 13.77 ? 3  DG  A O6     1 
ATOM   58  N  N1     . DG  A 1 3 ? 4.331   2.746   2.407   1.00 12.75 ? 3  DG  A N1     1 
ATOM   59  C  C2     . DG  A 1 3 ? 5.125   1.767   2.940   1.00 13.70 ? 3  DG  A C2     1 
ATOM   60  N  N2     . DG  A 1 3 ? 4.985   1.525   4.275   1.00 14.30 ? 3  DG  A N2     1 
ATOM   61  N  N3     . DG  A 1 3 ? 5.992   1.065   2.236   1.00 13.73 ? 3  DG  A N3     1 
ATOM   62  C  C4     . DG  A 1 3 ? 5.995   1.393   0.931   1.00 13.40 ? 3  DG  A C4     1 
HETATM 63  N  N1     . BRU A 1 4 ? 3.172   -1.324  2.752   1.00 13.79 ? 4  BRU A N1     1 
HETATM 64  C  C2     . BRU A 1 4 ? 2.270   -0.380  3.231   1.00 12.66 ? 4  BRU A C2     1 
HETATM 65  N  N3     . BRU A 1 4 ? 1.767   0.512   2.289   1.00 12.75 ? 4  BRU A N3     1 
HETATM 66  C  C4     . BRU A 1 4 ? 2.026   0.537   0.938   1.00 12.02 ? 4  BRU A C4     1 
HETATM 67  C  C5     . BRU A 1 4 ? 2.951   -0.525  0.467   1.00 13.95 ? 4  BRU A C5     1 
HETATM 68  C  C6     . BRU A 1 4 ? 3.489   -1.390  1.407   1.00 14.32 ? 4  BRU A C6     1 
HETATM 69  O  O2     . BRU A 1 4 ? 1.919   -0.352  4.402   1.00 13.78 ? 4  BRU A O2     1 
HETATM 70  O  O4     . BRU A 1 4 ? 1.506   1.383   0.197   1.00 11.89 ? 4  BRU A O4     1 
HETATM 71  BR BR     . BRU A 1 4 ? 3.276   -0.611  -1.149  0.24 22.44 ? 4  BRU A BR     1 
HETATM 72  C  "C1'"  . BRU A 1 4 ? 3.751   -2.261  3.783   1.00 15.63 ? 4  BRU A "C1'"  1 
HETATM 73  C  "C2'"  . BRU A 1 4 ? 2.865   -3.481  3.864   1.00 16.98 ? 4  BRU A "C2'"  1 
HETATM 74  C  "C3'"  . BRU A 1 4 ? 3.559   -4.534  3.009   1.00 17.08 ? 4  BRU A "C3'"  1 
HETATM 75  C  "C4'"  . BRU A 1 4 ? 5.019   -4.100  3.023   1.00 17.70 ? 4  BRU A "C4'"  1 
HETATM 76  O  "O3'"  . BRU A 1 4 ? 3.361   -5.801  3.589   1.00 17.23 ? 4  BRU A "O3'"  1 
HETATM 77  O  "O4'"  . BRU A 1 4 ? 4.968   -2.648  3.136   1.00 16.05 ? 4  BRU A "O4'"  1 
HETATM 78  C  "C5'"  . BRU A 1 4 ? 5.783   -4.437  1.764   1.00 18.49 ? 4  BRU A "C5'"  1 
HETATM 79  O  "O5'"  . BRU A 1 4 ? 5.036   -4.115  0.604   1.00 19.61 ? 4  BRU A "O5'"  1 
HETATM 80  P  P      . BRU A 1 4 ? 5.644   -4.381  -0.847  1.00 19.12 ? 4  BRU A P      1 
HETATM 81  O  OP1    . BRU A 1 4 ? 6.001   -5.828  -1.001  1.00 22.38 ? 4  BRU A OP1    1 
HETATM 82  O  OP2    . BRU A 1 4 ? 4.727   -3.766  -1.806  1.00 19.80 ? 4  BRU A OP2    1 
ATOM   83  P  P      . DA  A 1 5 ? 2.020   -6.590  3.264   1.00 18.92 ? 5  DA  A P      1 
ATOM   84  O  OP1    . DA  A 1 5 ? 2.306   -8.014  3.548   1.00 20.64 ? 5  DA  A OP1    1 
ATOM   85  O  OP2    . DA  A 1 5 ? 1.510   -6.195  1.936   1.00 18.79 ? 5  DA  A OP2    1 
ATOM   86  O  "O5'"  . DA  A 1 5 ? 1.041   -6.006  4.362   1.00 16.11 ? 5  DA  A "O5'"  1 
ATOM   87  C  "C5'"  . DA  A 1 5 ? -0.309  -5.759  4.074   1.00 14.46 ? 5  DA  A "C5'"  1 
ATOM   88  C  "C4'"  . DA  A 1 5 ? -0.870  -4.877  5.157   1.00 13.62 ? 5  DA  A "C4'"  1 
ATOM   89  O  "O4'"  . DA  A 1 5 ? -0.199  -3.587  5.029   1.00 13.22 ? 5  DA  A "O4'"  1 
ATOM   90  C  "C3'"  . DA  A 1 5 ? -2.349  -4.590  4.999   1.00 14.20 ? 5  DA  A "C3'"  1 
ATOM   91  O  "O3'"  . DA  A 1 5 ? -3.126  -5.469  5.798   1.00 15.07 ? 5  DA  A "O3'"  1 
ATOM   92  C  "C2'"  . DA  A 1 5 ? -2.484  -3.143  5.440   1.00 13.25 ? 5  DA  A "C2'"  1 
ATOM   93  C  "C1'"  . DA  A 1 5 ? -1.139  -2.530  5.084   1.00 12.29 ? 5  DA  A "C1'"  1 
ATOM   94  N  N9     . DA  A 1 5 ? -1.193  -1.919  3.748   1.00 11.03 ? 5  DA  A N9     1 
ATOM   95  C  C8     . DA  A 1 5 ? -0.566  -2.353  2.601   1.00 12.40 ? 5  DA  A C8     1 
ATOM   96  N  N7     . DA  A 1 5 ? -0.730  -1.555  1.569   1.00 11.67 ? 5  DA  A N7     1 
ATOM   97  C  C5     . DA  A 1 5 ? -1.544  -0.543  2.059   1.00 10.86 ? 5  DA  A C5     1 
ATOM   98  C  C6     . DA  A 1 5 ? -2.078  0.615   1.460   1.00 11.77 ? 5  DA  A C6     1 
ATOM   99  N  N6     . DA  A 1 5 ? -1.824  0.982   0.209   1.00 12.10 ? 5  DA  A N6     1 
ATOM   100 N  N1     . DA  A 1 5 ? -2.873  1.397   2.215   1.00 11.00 ? 5  DA  A N1     1 
ATOM   101 C  C2     . DA  A 1 5 ? -3.087  1.064   3.501   1.00 11.46 ? 5  DA  A C2     1 
ATOM   102 N  N3     . DA  A 1 5 ? -2.621  0.010   4.188   1.00 11.27 ? 5  DA  A N3     1 
ATOM   103 C  C4     . DA  A 1 5 ? -1.854  -0.761  3.398   1.00 10.58 ? 5  DA  A C4     1 
ATOM   104 P  P      . DC  A 1 6 ? -4.489  -6.061  5.188   1.00 15.54 ? 6  DC  A P      1 
ATOM   105 O  OP1    . DC  A 1 6 ? -5.014  -7.014  6.211   1.00 17.94 ? 6  DC  A OP1    1 
ATOM   106 O  OP2    . DC  A 1 6 ? -4.283  -6.502  3.798   1.00 15.96 ? 6  DC  A OP2    1 
ATOM   107 O  "O5'"  . DC  A 1 6 ? -5.416  -4.775  5.128   1.00 15.09 ? 6  DC  A "O5'"  1 
ATOM   108 C  "C5'"  . DC  A 1 6 ? -5.818  -4.159  6.328   1.00 14.43 ? 6  DC  A "C5'"  1 
ATOM   109 C  "C4'"  . DC  A 1 6 ? -6.602  -2.904  6.053   1.00 14.45 ? 6  DC  A "C4'"  1 
ATOM   110 O  "O4'"  . DC  A 1 6 ? -5.692  -1.930  5.498   1.00 13.95 ? 6  DC  A "O4'"  1 
ATOM   111 C  "C3'"  . DC  A 1 6 ? -7.692  -3.036  5.001   1.00 14.66 ? 6  DC  A "C3'"  1 
ATOM   112 O  "O3'"  . DC  A 1 6 ? -8.924  -3.496  5.542   1.00 16.88 ? 6  DC  A "O3'"  1 
ATOM   113 C  "C2'"  . DC  A 1 6 ? -7.782  -1.632  4.430   1.00 14.17 ? 6  DC  A "C2'"  1 
ATOM   114 C  "C1'"  . DC  A 1 6 ? -6.373  -1.080  4.572   1.00 13.00 ? 6  DC  A "C1'"  1 
ATOM   115 N  N1     . DC  A 1 6 ? -5.772  -1.258  3.229   1.00 11.62 ? 6  DC  A N1     1 
ATOM   116 C  C2     . DC  A 1 6 ? -6.021  -0.269  2.277   1.00 10.92 ? 6  DC  A C2     1 
ATOM   117 O  O2     . DC  A 1 6 ? -6.769  0.652   2.598   1.00 12.84 ? 6  DC  A O2     1 
ATOM   118 N  N3     . DC  A 1 6 ? -5.459  -0.357  1.044   1.00 10.62 ? 6  DC  A N3     1 
ATOM   119 C  C4     . DC  A 1 6 ? -4.690  -1.393  0.718   1.00 10.16 ? 6  DC  A C4     1 
ATOM   120 N  N4     . DC  A 1 6 ? -4.139  -1.398  -0.497  1.00 12.37 ? 6  DC  A N4     1 
ATOM   121 C  C5     . DC  A 1 6 ? -4.443  -2.460  1.629   1.00 10.39 ? 6  DC  A C5     1 
ATOM   122 C  C6     . DC  A 1 6 ? -5.000  -2.353  2.897   1.00 10.67 ? 6  DC  A C6     1 
ATOM   123 P  P      . DA  A 1 7 ? -9.935  -4.330  4.588   1.00 17.60 ? 7  DA  A P      1 
ATOM   124 O  OP1    . DA  A 1 7 ? -10.921 -5.055  5.486   1.00 20.28 ? 7  DA  A OP1    1 
ATOM   125 O  OP2    . DA  A 1 7 ? -9.245  -5.065  3.484   1.00 18.36 ? 7  DA  A OP2    1 
ATOM   126 O  "O5'"  . DA  A 1 7 ? -10.699 -3.165  3.851   1.00 16.61 ? 7  DA  A "O5'"  1 
ATOM   127 C  "C5'"  . DA  A 1 7 ? -11.372 -2.167  4.593   1.00 15.69 ? 7  DA  A "C5'"  1 
ATOM   128 C  "C4'"  . DA  A 1 7 ? -11.973 -1.154  3.659   1.00 15.13 ? 7  DA  A "C4'"  1 
ATOM   129 O  "O4'"  . DA  A 1 7 ? -10.911 -0.396  3.029   1.00 14.94 ? 7  DA  A "O4'"  1 
ATOM   130 C  "C3'"  . DA  A 1 7 ? -12.730 -1.800  2.513   1.00 15.72 ? 7  DA  A "C3'"  1 
ATOM   131 O  "O3'"  . DA  A 1 7 ? -14.100 -1.956  2.801   1.00 16.42 ? 7  DA  A "O3'"  1 
ATOM   132 C  "C2'"  . DA  A 1 7 ? -12.513 -0.860  1.347   1.00 15.47 ? 7  DA  A "C2'"  1 
ATOM   133 C  "C1'"  . DA  A 1 7 ? -11.226 -0.124  1.677   1.00 14.44 ? 7  DA  A "C1'"  1 
ATOM   134 N  N9     . DA  A 1 7 ? -10.130 -0.660  0.875   1.00 12.10 ? 7  DA  A N9     1 
ATOM   135 C  C8     . DA  A 1 7 ? -9.297  -1.718  1.161   1.00 12.09 ? 7  DA  A C8     1 
ATOM   136 N  N7     . DA  A 1 7 ? -8.384  -1.934  0.239   1.00 11.62 ? 7  DA  A N7     1 
ATOM   137 C  C5     . DA  A 1 7 ? -8.629  -0.938  -0.705  1.00 11.48 ? 7  DA  A C5     1 
ATOM   138 C  C6     . DA  A 1 7 ? -7.993  -0.588  -1.906  1.00 10.97 ? 7  DA  A C6     1 
ATOM   139 N  N6     . DA  A 1 7 ? -6.896  -1.194  -2.359  1.00 12.69 ? 7  DA  A N6     1 
ATOM   140 N  N1     . DA  A 1 7 ? -8.516  0.440   -2.620  1.00 11.32 ? 7  DA  A N1     1 
ATOM   141 C  C2     . DA  A 1 7 ? -9.586  1.083   -2.137  1.00 10.91 ? 7  DA  A C2     1 
ATOM   142 N  N3     . DA  A 1 7 ? -10.259 0.855   -1.007  1.00 12.36 ? 7  DA  A N3     1 
ATOM   143 C  C4     . DA  A 1 7 ? -9.719  -0.161  -0.333  1.00 11.03 ? 7  DA  A C4     1 
ATOM   144 P  P      . DC  A 1 8 ? -14.911 -3.126  2.083   1.00 17.45 ? 8  DC  A P      1 
ATOM   145 O  OP1    . DC  A 1 8 ? -16.223 -3.213  2.800   1.00 19.73 ? 8  DC  A OP1    1 
ATOM   146 O  OP2    . DC  A 1 8 ? -14.071 -4.349  1.945   1.00 20.27 ? 8  DC  A OP2    1 
ATOM   147 O  "O5'"  . DC  A 1 8 ? -15.208 -2.568  0.626   1.00 16.98 ? 8  DC  A "O5'"  1 
ATOM   148 C  "C5'"  . DC  A 1 8 ? -16.010 -1.402  0.443   1.00 16.56 ? 8  DC  A "C5'"  1 
ATOM   149 C  "C4'"  . DC  A 1 8 ? -16.091 -1.028  -1.016  1.00 18.07 ? 8  DC  A "C4'"  1 
ATOM   150 O  "O4'"  . DC  A 1 8 ? -14.755 -0.715  -1.501  1.00 17.75 ? 8  DC  A "O4'"  1 
ATOM   151 C  "C3'"  . DC  A 1 8 ? -16.661 -2.107  -1.946  1.00 19.46 ? 8  DC  A "C3'"  1 
ATOM   152 O  "O3'"  . DC  A 1 8 ? -17.508 -1.465  -2.891  1.00 22.06 ? 8  DC  A "O3'"  1 
ATOM   153 C  "C2'"  . DC  A 1 8 ? -15.442 -2.651  -2.658  1.00 19.16 ? 8  DC  A "C2'"  1 
ATOM   154 C  "C1'"  . DC  A 1 8 ? -14.503 -1.447  -2.694  1.00 18.57 ? 8  DC  A "C1'"  1 
ATOM   155 N  N1     . DC  A 1 8 ? -13.092 -1.902  -2.665  1.00 16.46 ? 8  DC  A N1     1 
ATOM   156 C  C2     . DC  A 1 8 ? -12.220 -1.463  -3.680  1.00 15.92 ? 8  DC  A C2     1 
ATOM   157 O  O2     . DC  A 1 8 ? -12.629 -0.612  -4.493  1.00 16.99 ? 8  DC  A O2     1 
ATOM   158 N  N3     . DC  A 1 8 ? -10.966 -1.964  -3.732  1.00 14.82 ? 8  DC  A N3     1 
ATOM   159 C  C4     . DC  A 1 8 ? -10.546 -2.858  -2.828  1.00 12.86 ? 8  DC  A C4     1 
ATOM   160 N  N4     . DC  A 1 8 ? -9.328  -3.391  -2.976  1.00 14.21 ? 8  DC  A N4     1 
ATOM   161 C  C5     . DC  A 1 8 ? -11.361 -3.265  -1.737  1.00 13.68 ? 8  DC  A C5     1 
ATOM   162 C  C6     . DC  A 1 8 ? -12.642 -2.756  -1.695  1.00 14.79 ? 8  DC  A C6     1 
HETATM 163 O  O      . HOH B 2 . ? -2.871  -0.007  6.987   1.00 14.59 ? 9  HOH A O      1 
HETATM 164 O  O      . HOH B 2 . ? 0.010   -2.364  -1.070  1.00 23.78 ? 10 HOH A O      1 
HETATM 165 O  O      . HOH B 2 . ? 8.937   5.534   -10.692 1.00 22.33 ? 11 HOH A O      1 
HETATM 166 O  O      . HOH B 2 . ? -13.041 1.819   -0.869  1.00 20.45 ? 12 HOH A O      1 
HETATM 167 O  O      . HOH B 2 . ? 6.945   12.000  -6.298  1.00 25.08 ? 13 HOH A O      1 
HETATM 168 O  O      . HOH B 2 . ? -6.630  -4.204  -0.229  1.00 24.33 ? 14 HOH A O      1 
HETATM 169 O  O      . HOH B 2 . ? 14.793  6.214   0.301   1.00 19.71 ? 15 HOH A O      1 
HETATM 170 O  O      . HOH B 2 . ? 11.575  3.182   2.278   1.00 23.02 ? 16 HOH A O      1 
HETATM 171 O  O      . HOH B 2 . ? -17.564 -0.951  3.603   1.00 17.27 ? 17 HOH A O      1 
HETATM 172 O  O      . HOH B 2 . ? 4.425   3.752   -3.142  1.00 25.93 ? 18 HOH A O      1 
HETATM 173 O  O      . HOH B 2 . ? 6.020   3.547   -5.523  1.00 28.01 ? 19 HOH A O      1 
HETATM 174 O  O      . HOH B 2 . ? -12.720 -5.775  0.526   1.00 23.58 ? 20 HOH A O      1 
HETATM 175 O  O      . HOH B 2 . ? 0.975   1.735   -2.418  1.00 25.16 ? 21 HOH A O      1 
HETATM 176 O  O      . HOH B 2 . ? -4.548  -6.465  8.997   1.00 28.15 ? 22 HOH A O      1 
HETATM 177 O  O      . HOH B 2 . ? 9.606   1.936   -9.462  1.00 27.43 ? 23 HOH A O      1 
HETATM 178 O  O      . HOH B 2 . ? 1.881   -3.923  -1.976  1.00 29.88 ? 24 HOH A O      1 
HETATM 179 O  O      . HOH B 2 . ? 6.277   7.438   -6.871  1.00 32.24 ? 25 HOH A O      1 
HETATM 180 O  O      . HOH B 2 . ? -2.433  -3.591  -1.406  1.00 23.20 ? 26 HOH A O      1 
HETATM 181 O  O      . HOH B 2 . ? -12.183 4.026   -2.373  1.00 27.88 ? 27 HOH A O      1 
HETATM 182 O  O      . HOH B 2 . ? 5.296   9.188   0.713   1.00 23.01 ? 28 HOH A O      1 
HETATM 183 O  O      . HOH B 2 . ? -5.531  -5.902  1.224   1.00 27.98 ? 29 HOH A O      1 
HETATM 184 O  O      . HOH B 2 . ? 1.314   -9.372  5.709   1.00 29.00 ? 30 HOH A O      1 
HETATM 185 O  O      . HOH B 2 . ? 8.477   12.893  -8.527  1.00 19.89 ? 31 HOH A O      1 
HETATM 186 O  O      . HOH B 2 . ? 4.619   -0.171  -4.433  1.00 29.87 ? 32 HOH A O      1 
HETATM 187 O  O      . HOH B 2 . ? -0.682  -0.280  -2.554  1.00 36.57 ? 33 HOH A O      1 
HETATM 188 O  O      . HOH B 2 . ? -10.309 -5.659  0.905   1.00 26.29 ? 34 HOH A O      1 
HETATM 189 O  O      . HOH B 2 . ? 6.782   1.315   -4.561  1.00 30.76 ? 35 HOH A O      1 
HETATM 190 O  O      . HOH B 2 . ? 3.187   5.570   -1.370  1.00 31.17 ? 36 HOH A O      1 
HETATM 191 O  O      . HOH B 2 . ? 14.045  3.437   0.381   1.00 27.92 ? 37 HOH A O      1 
HETATM 192 O  O      . HOH B 2 . ? 5.608   9.960   -2.259  1.00 35.04 ? 38 HOH A O      1 
HETATM 193 O  O      . HOH B 2 . ? 4.714   -2.660  -4.268  1.00 38.66 ? 39 HOH A O      1 
HETATM 194 O  O      . HOH B 2 . ? -15.893 -3.835  5.619   1.00 35.67 ? 40 HOH A O      1 
HETATM 195 O  O      . HOH B 2 . ? -2.783  -5.666  1.387   1.00 33.02 ? 41 HOH A O      1 
HETATM 196 O  O      . HOH B 2 . ? -7.116  -5.679  9.861   1.00 46.00 ? 42 HOH A O      1 
HETATM 197 O  O      . HOH B 2 . ? 0.595   -11.443 4.116   1.00 35.70 ? 43 HOH A O      1 
HETATM 198 O  O      . HOH B 2 . ? -19.021 -4.294  1.577   1.00 50.53 ? 44 HOH A O      1 
HETATM 199 O  O      . HOH B 2 . ? 5.067   -7.302  -3.289  1.00 48.05 ? 45 HOH A O      1 
HETATM 200 O  O      . HOH B 2 . ? 3.226   7.929   -0.314  1.00 49.78 ? 46 HOH A O      1 
HETATM 201 O  O      . HOH B 2 . ? -16.406 0.375   -5.174  1.00 33.62 ? 47 HOH A O      1 
HETATM 202 O  O      . HOH B 2 . ? 11.712  0.500   -9.993  1.00 36.32 ? 48 HOH A O      1 
HETATM 203 O  O      . HOH B 2 . ? 4.821   -11.189 5.140   1.00 45.21 ? 49 HOH A O      1 
HETATM 204 O  O      . HOH B 2 . ? 5.741   12.229  -3.819  1.00 42.65 ? 50 HOH A O      1 
HETATM 205 O  O      . HOH B 2 . ? 2.680   2.140   -4.378  1.00 46.43 ? 51 HOH A O      1 
HETATM 206 O  O      . HOH B 2 . ? 5.093   -9.603  3.110   1.00 47.15 ? 52 HOH A O      1 
HETATM 207 O  O      . HOH B 2 . ? -13.654 -6.171  4.519   1.00 54.94 ? 53 HOH A O      1 
# 
